data_2PHR
#
_entry.id   2PHR
#
_cell.length_a   56.804
_cell.length_b   83.269
_cell.length_c   123.133
_cell.angle_alpha   90.00
_cell.angle_beta   90.00
_cell.angle_gamma   90.00
#
_symmetry.space_group_name_H-M   'P 21 21 21'
#
loop_
_entity.id
_entity.type
_entity.pdbx_description
1 polymer Lectin
2 branched alpha-D-mannopyranose-(1-3)-alpha-D-mannopyranose
3 branched alpha-D-mannopyranose-(1-3)-[alpha-D-mannopyranose-(1-6)]alpha-D-mannopyranose-(1-6)-beta-D-mannopyranose
4 non-polymer 'MANGANESE (II) ION'
5 non-polymer 'CALCIUM ION'
6 water water
#
_entity_poly.entity_id   1
_entity_poly.type   'polypeptide(L)'
_entity_poly.pdbx_seq_one_letter_code
;(PCA)DSLSFGFPTFPSDQKNLIFQGDAQIKNNAVQLTKTDSNGNPVASTVGRILFSAQVHLWEKSSSRVANFQSQFSFS
LKSPLSNGADGIAFFIAPPDTTIPSGSGGGLLGLFAPGTAQNTSANQVIAVEFDTFYAQDSNTWDPNYPHIGIDVNSIRS
VKTVKWDRRDGQSLNVLVTFNPSTRNLDVVATYSDGTRYEVSYEVDVRSVLPEWVRVGFSAASGEQYQTHTLESWSFTST
LLYTAQKKGENLALEM
;
_entity_poly.pdbx_strand_id   A,B
#
loop_
_chem_comp.id
_chem_comp.type
_chem_comp.name
_chem_comp.formula
BMA D-saccharide, beta linking beta-D-mannopyranose 'C6 H12 O6'
CA non-polymer 'CALCIUM ION' 'Ca 2'
MAN D-saccharide, alpha linking alpha-D-mannopyranose 'C6 H12 O6'
MN non-polymer 'MANGANESE (II) ION' 'Mn 2'
#
# COMPACT_ATOMS: atom_id res chain seq x y z
N PCA A 1 8.89 -2.36 0.35
CA PCA A 1 8.69 -3.25 -0.85
CB PCA A 1 7.19 -3.34 -1.08
CG PCA A 1 6.60 -2.13 -0.42
CD PCA A 1 7.59 -1.68 0.64
OE PCA A 1 7.34 -0.73 1.38
C PCA A 1 9.39 -2.70 -2.08
O PCA A 1 9.43 -1.49 -2.29
N ASP A 2 9.92 -3.60 -2.89
CA ASP A 2 10.58 -3.24 -4.13
C ASP A 2 9.51 -2.86 -5.16
N SER A 3 8.31 -3.43 -5.00
CA SER A 3 7.21 -3.13 -5.90
C SER A 3 5.91 -2.85 -5.14
N LEU A 4 5.10 -1.97 -5.71
CA LEU A 4 3.84 -1.58 -5.09
C LEU A 4 2.86 -1.17 -6.18
N SER A 5 1.61 -1.56 -6.04
CA SER A 5 0.59 -1.15 -7.01
C SER A 5 -0.76 -1.11 -6.32
N PHE A 6 -1.63 -0.24 -6.79
CA PHE A 6 -2.96 -0.14 -6.23
C PHE A 6 -3.88 0.43 -7.30
N GLY A 7 -5.16 0.11 -7.20
CA GLY A 7 -6.09 0.62 -8.18
C GLY A 7 -7.42 1.04 -7.59
N PHE A 8 -7.85 2.24 -7.97
CA PHE A 8 -9.13 2.79 -7.52
C PHE A 8 -9.98 3.01 -8.78
N PRO A 9 -10.81 2.02 -9.16
CA PRO A 9 -11.66 2.18 -10.34
C PRO A 9 -12.64 3.33 -10.07
N THR A 10 -13.07 3.43 -8.82
CA THR A 10 -13.98 4.48 -8.35
C THR A 10 -13.53 4.77 -6.91
N PHE A 11 -14.16 5.75 -6.29
CA PHE A 11 -13.82 6.13 -4.92
C PHE A 11 -14.98 6.10 -3.93
N PRO A 12 -15.31 4.91 -3.39
CA PRO A 12 -16.40 4.81 -2.41
C PRO A 12 -16.06 5.65 -1.18
N SER A 13 -17.08 6.07 -0.44
CA SER A 13 -16.85 6.90 0.74
C SER A 13 -16.08 6.21 1.85
N ASP A 14 -16.08 4.88 1.83
CA ASP A 14 -15.40 4.08 2.84
C ASP A 14 -13.91 3.97 2.52
N GLN A 15 -13.15 5.03 2.75
CA GLN A 15 -11.70 5.02 2.48
C GLN A 15 -10.84 4.84 3.71
N LYS A 16 -9.77 4.06 3.58
CA LYS A 16 -8.86 3.79 4.68
C LYS A 16 -7.40 4.18 4.41
N ASN A 17 -6.98 4.11 3.15
CA ASN A 17 -5.59 4.40 2.80
C ASN A 17 -5.30 5.74 2.12
N LEU A 18 -6.22 6.69 2.24
CA LEU A 18 -6.02 8.00 1.65
C LEU A 18 -5.85 9.08 2.70
N ILE A 19 -4.88 9.96 2.48
CA ILE A 19 -4.65 11.07 3.38
C ILE A 19 -5.31 12.28 2.72
N PHE A 20 -6.32 12.82 3.37
CA PHE A 20 -7.05 13.96 2.85
C PHE A 20 -6.50 15.24 3.46
N GLN A 21 -6.20 16.23 2.62
CA GLN A 21 -5.67 17.50 3.11
C GLN A 21 -6.52 18.63 2.53
N GLY A 22 -6.66 19.73 3.27
CA GLY A 22 -7.45 20.83 2.76
C GLY A 22 -8.92 20.48 2.65
N ASP A 23 -9.55 20.88 1.55
CA ASP A 23 -10.98 20.64 1.34
C ASP A 23 -11.35 19.36 0.61
N ALA A 24 -10.37 18.51 0.32
CA ALA A 24 -10.64 17.27 -0.41
C ALA A 24 -11.55 16.29 0.32
N GLN A 25 -12.51 15.72 -0.42
CA GLN A 25 -13.40 14.74 0.18
C GLN A 25 -14.10 13.89 -0.89
N ILE A 26 -14.57 12.73 -0.46
CA ILE A 26 -15.27 11.81 -1.35
C ILE A 26 -16.73 12.24 -1.46
N LYS A 27 -17.25 12.25 -2.68
CA LYS A 27 -18.64 12.62 -2.93
C LYS A 27 -19.06 11.97 -4.24
N ASN A 28 -20.13 11.18 -4.19
CA ASN A 28 -20.64 10.49 -5.37
C ASN A 28 -19.59 9.58 -6.04
N ASN A 29 -18.93 8.76 -5.23
CA ASN A 29 -17.91 7.82 -5.71
C ASN A 29 -16.74 8.42 -6.48
N ALA A 30 -16.44 9.67 -6.17
CA ALA A 30 -15.33 10.37 -6.81
C ALA A 30 -14.70 11.27 -5.76
N VAL A 31 -13.46 11.67 -5.97
CA VAL A 31 -12.80 12.56 -5.05
C VAL A 31 -12.97 13.99 -5.52
N GLN A 32 -13.60 14.82 -4.70
CA GLN A 32 -13.78 16.24 -5.03
C GLN A 32 -12.64 16.95 -4.32
N LEU A 33 -11.61 17.30 -5.08
CA LEU A 33 -10.44 17.95 -4.50
C LEU A 33 -10.72 19.34 -3.96
N THR A 34 -11.57 20.10 -4.66
CA THR A 34 -11.91 21.44 -4.21
C THR A 34 -13.35 21.50 -3.71
N LYS A 35 -13.58 22.39 -2.74
CA LYS A 35 -14.87 22.56 -2.10
C LYS A 35 -16.03 22.89 -3.04
N THR A 36 -17.23 22.43 -2.67
CA THR A 36 -18.43 22.68 -3.45
C THR A 36 -19.54 23.00 -2.44
N ASP A 37 -20.61 23.64 -2.89
CA ASP A 37 -21.72 23.95 -1.99
C ASP A 37 -22.72 22.81 -1.97
N SER A 38 -23.86 23.04 -1.31
CA SER A 38 -24.91 22.04 -1.20
C SER A 38 -25.43 21.60 -2.56
N ASN A 39 -25.63 22.56 -3.46
CA ASN A 39 -26.12 22.28 -4.79
C ASN A 39 -25.09 21.49 -5.60
N GLY A 40 -23.85 21.50 -5.15
CA GLY A 40 -22.79 20.77 -5.84
C GLY A 40 -21.96 21.67 -6.74
N ASN A 41 -22.17 22.98 -6.64
CA ASN A 41 -21.44 23.94 -7.45
C ASN A 41 -20.11 24.31 -6.81
N PRO A 42 -19.09 24.57 -7.65
CA PRO A 42 -17.76 24.95 -7.18
C PRO A 42 -17.78 26.32 -6.50
N VAL A 43 -16.88 26.52 -5.55
CA VAL A 43 -16.79 27.80 -4.85
C VAL A 43 -15.37 28.33 -4.94
N ALA A 44 -15.22 29.63 -4.75
CA ALA A 44 -13.90 30.25 -4.83
C ALA A 44 -13.10 30.01 -3.55
N SER A 45 -11.80 30.27 -3.63
CA SER A 45 -10.89 30.15 -2.50
C SER A 45 -10.89 28.80 -1.80
N THR A 46 -10.45 27.77 -2.51
CA THR A 46 -10.43 26.42 -1.95
C THR A 46 -9.21 25.64 -2.45
N VAL A 47 -8.63 24.84 -1.58
CA VAL A 47 -7.48 24.00 -1.91
C VAL A 47 -7.70 22.62 -1.29
N GLY A 48 -7.28 21.59 -2.01
CA GLY A 48 -7.45 20.24 -1.50
C GLY A 48 -6.48 19.28 -2.14
N ARG A 49 -6.04 18.28 -1.40
CA ARG A 49 -5.10 17.29 -1.93
C ARG A 49 -5.35 15.95 -1.28
N ILE A 50 -4.89 14.89 -1.92
CA ILE A 50 -5.00 13.54 -1.38
C ILE A 50 -3.67 12.86 -1.67
N LEU A 51 -3.27 11.97 -0.78
CA LEU A 51 -2.04 11.22 -0.94
C LEU A 51 -2.34 9.78 -0.56
N PHE A 52 -1.66 8.84 -1.19
CA PHE A 52 -1.88 7.45 -0.81
C PHE A 52 -1.03 7.28 0.45
N SER A 53 -1.53 6.54 1.45
CA SER A 53 -0.80 6.38 2.71
C SER A 53 0.53 5.64 2.64
N ALA A 54 0.59 4.56 1.88
CA ALA A 54 1.83 3.80 1.79
C ALA A 54 2.90 4.59 1.03
N GLN A 55 4.11 4.61 1.60
CA GLN A 55 5.21 5.32 0.97
C GLN A 55 5.78 4.50 -0.18
N VAL A 56 6.21 5.20 -1.23
CA VAL A 56 6.77 4.57 -2.41
C VAL A 56 8.28 4.66 -2.42
N HIS A 57 8.96 3.53 -2.66
CA HIS A 57 10.42 3.54 -2.70
C HIS A 57 10.82 3.89 -4.13
N LEU A 58 11.07 5.18 -4.36
CA LEU A 58 11.42 5.70 -5.68
C LEU A 58 12.84 5.35 -6.14
N TRP A 59 13.79 5.33 -5.21
CA TRP A 59 15.15 4.95 -5.56
C TRP A 59 15.89 4.47 -4.32
N GLU A 60 16.95 3.70 -4.56
CA GLU A 60 17.73 3.13 -3.47
C GLU A 60 19.23 3.26 -3.76
N LYS A 61 19.89 4.18 -3.07
CA LYS A 61 21.32 4.41 -3.27
C LYS A 61 22.09 3.12 -2.99
N SER A 62 21.66 2.39 -1.98
CA SER A 62 22.29 1.13 -1.59
C SER A 62 22.58 0.20 -2.77
N SER A 63 21.56 -0.04 -3.59
CA SER A 63 21.70 -0.93 -4.74
C SER A 63 21.81 -0.22 -6.08
N SER A 64 21.82 1.10 -6.07
CA SER A 64 21.90 1.90 -7.28
C SER A 64 20.67 1.69 -8.16
N ARG A 65 19.54 1.34 -7.55
CA ARG A 65 18.33 1.13 -8.31
C ARG A 65 17.40 2.34 -8.30
N VAL A 66 16.63 2.49 -9.37
CA VAL A 66 15.68 3.58 -9.51
C VAL A 66 14.39 2.93 -9.99
N ALA A 67 13.27 3.35 -9.44
CA ALA A 67 12.00 2.77 -9.80
C ALA A 67 11.38 3.35 -11.07
N ASN A 68 10.61 2.53 -11.74
CA ASN A 68 9.88 2.99 -12.91
C ASN A 68 8.53 3.21 -12.25
N PHE A 69 7.63 3.92 -12.90
CA PHE A 69 6.31 4.05 -12.31
C PHE A 69 5.35 4.47 -13.39
N GLN A 70 4.09 4.13 -13.18
CA GLN A 70 3.04 4.46 -14.13
C GLN A 70 1.82 4.81 -13.32
N SER A 71 1.26 5.98 -13.61
CA SER A 71 0.08 6.46 -12.93
C SER A 71 -0.97 6.70 -14.01
N GLN A 72 -2.11 6.08 -13.85
CA GLN A 72 -3.20 6.23 -14.81
C GLN A 72 -4.37 6.80 -14.04
N PHE A 73 -4.97 7.86 -14.57
CA PHE A 73 -6.09 8.47 -13.87
C PHE A 73 -6.99 9.27 -14.81
N SER A 74 -8.20 9.55 -14.35
CA SER A 74 -9.13 10.33 -15.16
C SER A 74 -9.78 11.37 -14.25
N PHE A 75 -10.04 12.54 -14.79
CA PHE A 75 -10.69 13.60 -14.03
C PHE A 75 -11.53 14.45 -14.95
N SER A 76 -12.44 15.23 -14.36
CA SER A 76 -13.28 16.13 -15.13
C SER A 76 -13.37 17.44 -14.38
N LEU A 77 -13.55 18.53 -15.13
CA LEU A 77 -13.64 19.87 -14.56
C LEU A 77 -14.97 20.45 -15.01
N LYS A 78 -15.70 21.07 -14.09
CA LYS A 78 -16.99 21.67 -14.43
C LYS A 78 -17.12 23.03 -13.76
N SER A 79 -17.70 23.97 -14.49
CA SER A 79 -17.87 25.32 -13.97
C SER A 79 -18.93 26.11 -14.69
N PRO A 80 -19.68 26.94 -13.96
CA PRO A 80 -20.74 27.79 -14.52
C PRO A 80 -20.07 28.87 -15.37
N LEU A 81 -18.82 29.17 -15.02
CA LEU A 81 -18.01 30.18 -15.70
C LEU A 81 -17.39 29.61 -16.97
N SER A 82 -16.97 30.51 -17.86
CA SER A 82 -16.34 30.12 -19.11
C SER A 82 -14.84 29.93 -18.90
N ASN A 83 -14.31 30.58 -17.87
CA ASN A 83 -12.89 30.48 -17.55
C ASN A 83 -12.66 29.92 -16.15
N GLY A 84 -12.89 28.61 -16.00
CA GLY A 84 -12.70 27.96 -14.71
C GLY A 84 -11.24 27.93 -14.31
N ALA A 85 -10.99 27.92 -13.00
CA ALA A 85 -9.62 27.91 -12.46
C ALA A 85 -9.60 27.03 -11.20
N ASP A 86 -8.43 26.61 -10.75
CA ASP A 86 -7.14 26.90 -11.37
C ASP A 86 -6.46 25.71 -12.03
N GLY A 87 -6.84 24.50 -11.63
CA GLY A 87 -6.25 23.32 -12.22
C GLY A 87 -6.01 22.21 -11.24
N ILE A 88 -5.64 21.04 -11.78
CA ILE A 88 -5.38 19.87 -10.98
C ILE A 88 -3.98 19.36 -11.33
N ALA A 89 -3.34 18.69 -10.38
CA ALA A 89 -2.00 18.18 -10.64
C ALA A 89 -1.72 16.87 -9.94
N PHE A 90 -1.02 15.98 -10.65
CA PHE A 90 -0.59 14.72 -10.08
C PHE A 90 0.80 15.08 -9.53
N PHE A 91 1.10 14.72 -8.29
CA PHE A 91 2.43 15.07 -7.79
C PHE A 91 3.09 14.00 -6.95
N ILE A 92 4.41 14.13 -6.83
CA ILE A 92 5.25 13.22 -6.05
C ILE A 92 6.08 14.13 -5.15
N ALA A 93 6.08 13.86 -3.86
CA ALA A 93 6.81 14.69 -2.91
C ALA A 93 7.23 13.91 -1.68
N PRO A 94 8.02 14.53 -0.78
CA PRO A 94 8.45 13.83 0.44
C PRO A 94 7.20 13.38 1.19
N PRO A 95 7.30 12.28 1.95
CA PRO A 95 6.18 11.72 2.71
C PRO A 95 5.44 12.66 3.66
N ASP A 96 6.15 13.61 4.25
CA ASP A 96 5.54 14.53 5.20
C ASP A 96 4.99 15.83 4.58
N THR A 97 4.83 15.84 3.26
CA THR A 97 4.33 17.03 2.59
C THR A 97 2.95 17.47 3.07
N THR A 98 2.76 18.78 3.19
CA THR A 98 1.48 19.35 3.63
C THR A 98 1.23 20.58 2.76
N ILE A 99 0.00 21.07 2.78
CA ILE A 99 -0.35 22.25 1.99
C ILE A 99 0.41 23.47 2.50
N PRO A 100 1.26 24.08 1.66
CA PRO A 100 2.04 25.25 2.07
C PRO A 100 1.08 26.42 2.29
N SER A 101 1.36 27.25 3.31
CA SER A 101 0.48 28.38 3.57
C SER A 101 0.52 29.36 2.38
N GLY A 102 -0.64 29.80 1.94
CA GLY A 102 -0.73 30.74 0.82
C GLY A 102 -0.51 30.11 -0.54
N SER A 103 -0.67 28.79 -0.65
CA SER A 103 -0.46 28.10 -1.93
C SER A 103 -1.74 27.98 -2.77
N GLY A 104 -2.75 28.78 -2.47
CA GLY A 104 -3.98 28.71 -3.22
C GLY A 104 -3.87 29.24 -4.64
N GLY A 105 -5.01 29.31 -5.31
CA GLY A 105 -5.05 29.82 -6.67
C GLY A 105 -4.08 29.17 -7.64
N GLY A 106 -3.35 30.01 -8.38
CA GLY A 106 -2.39 29.52 -9.36
C GLY A 106 -1.21 28.70 -8.86
N LEU A 107 -1.03 28.64 -7.54
CA LEU A 107 0.07 27.86 -6.99
C LEU A 107 -0.37 26.41 -6.80
N LEU A 108 -1.63 26.16 -7.15
CA LEU A 108 -2.22 24.82 -7.12
C LEU A 108 -2.10 23.99 -5.83
N GLY A 109 -1.80 24.65 -4.72
CA GLY A 109 -1.66 23.93 -3.46
C GLY A 109 -0.35 23.18 -3.37
N LEU A 110 0.59 23.52 -4.24
CA LEU A 110 1.87 22.86 -4.27
C LEU A 110 3.07 23.69 -3.85
N PHE A 111 3.00 25.02 -4.03
CA PHE A 111 4.12 25.87 -3.68
C PHE A 111 3.74 27.06 -2.82
N ALA A 112 4.72 27.54 -2.05
CA ALA A 112 4.53 28.71 -1.19
C ALA A 112 4.85 29.92 -2.07
N PRO A 113 4.10 31.02 -1.91
CA PRO A 113 4.32 32.22 -2.71
C PRO A 113 5.77 32.69 -2.80
N GLY A 114 6.43 32.82 -1.66
CA GLY A 114 7.80 33.29 -1.64
C GLY A 114 8.85 32.43 -2.31
N THR A 115 8.57 31.14 -2.48
CA THR A 115 9.54 30.26 -3.10
C THR A 115 9.01 29.43 -4.26
N ALA A 116 7.87 29.84 -4.80
CA ALA A 116 7.25 29.12 -5.92
C ALA A 116 8.14 28.91 -7.12
N GLN A 117 9.08 29.82 -7.36
CA GLN A 117 9.97 29.69 -8.52
C GLN A 117 11.43 29.46 -8.14
N ASN A 118 11.68 29.09 -6.89
CA ASN A 118 13.05 28.82 -6.44
C ASN A 118 13.22 27.30 -6.45
N THR A 119 13.92 26.79 -7.47
CA THR A 119 14.12 25.35 -7.60
C THR A 119 14.96 24.68 -6.51
N SER A 120 15.75 25.48 -5.78
CA SER A 120 16.57 24.89 -4.72
C SER A 120 15.84 24.84 -3.38
N ALA A 121 14.65 25.43 -3.31
CA ALA A 121 13.88 25.43 -2.08
C ALA A 121 12.72 24.44 -2.07
N ASN A 122 12.51 23.75 -3.18
CA ASN A 122 11.42 22.79 -3.30
C ASN A 122 11.87 21.37 -3.62
N GLN A 123 10.99 20.40 -3.33
CA GLN A 123 11.23 19.00 -3.61
C GLN A 123 9.90 18.44 -4.11
N VAL A 124 9.66 18.54 -5.41
CA VAL A 124 8.40 18.08 -5.94
C VAL A 124 8.45 17.98 -7.44
N ILE A 125 7.78 16.95 -7.96
CA ILE A 125 7.65 16.75 -9.39
C ILE A 125 6.15 16.65 -9.55
N ALA A 126 5.61 17.40 -10.49
CA ALA A 126 4.17 17.38 -10.70
C ALA A 126 3.82 17.54 -12.17
N VAL A 127 2.66 17.02 -12.53
CA VAL A 127 2.15 17.12 -13.89
C VAL A 127 0.88 17.91 -13.68
N GLU A 128 0.86 19.15 -14.18
CA GLU A 128 -0.28 20.01 -14.01
C GLU A 128 -1.16 20.13 -15.24
N PHE A 129 -2.44 20.36 -14.99
CA PHE A 129 -3.43 20.58 -16.03
C PHE A 129 -3.97 21.92 -15.59
N ASP A 130 -3.36 22.96 -16.16
CA ASP A 130 -3.57 24.37 -15.83
C ASP A 130 -4.57 25.07 -16.76
N THR A 131 -5.68 25.54 -16.20
CA THR A 131 -6.71 26.20 -17.00
C THR A 131 -6.77 27.71 -16.87
N PHE A 132 -5.94 28.29 -16.01
CA PHE A 132 -5.98 29.74 -15.82
C PHE A 132 -4.57 30.30 -15.99
N TYR A 133 -4.44 31.32 -16.85
CA TYR A 133 -3.13 31.89 -17.15
C TYR A 133 -3.02 33.41 -17.19
N ALA A 134 -3.98 34.12 -16.59
CA ALA A 134 -3.94 35.59 -16.58
C ALA A 134 -2.56 36.05 -16.11
N GLN A 135 -1.91 36.90 -16.91
CA GLN A 135 -0.57 37.37 -16.61
C GLN A 135 -0.42 38.28 -15.39
N ASP A 136 -1.52 38.80 -14.85
CA ASP A 136 -1.42 39.65 -13.66
C ASP A 136 -1.11 38.82 -12.42
N SER A 137 -1.67 37.61 -12.35
CA SER A 137 -1.47 36.72 -11.21
C SER A 137 -0.65 35.46 -11.49
N ASN A 138 -0.73 34.94 -12.71
CA ASN A 138 0.03 33.74 -13.09
C ASN A 138 1.11 34.15 -14.10
N THR A 139 2.01 35.03 -13.69
CA THR A 139 3.06 35.55 -14.57
C THR A 139 3.99 34.51 -15.17
N TRP A 140 4.07 33.34 -14.52
CA TRP A 140 4.94 32.26 -14.97
C TRP A 140 4.35 31.39 -16.09
N ASP A 141 3.06 31.53 -16.35
CA ASP A 141 2.39 30.73 -17.38
C ASP A 141 2.43 31.22 -18.81
N PRO A 142 2.33 30.27 -19.76
CA PRO A 142 2.32 30.60 -21.18
C PRO A 142 0.93 31.22 -21.32
N ASN A 143 0.67 31.94 -22.40
CA ASN A 143 -0.60 32.61 -22.58
C ASN A 143 -1.74 31.75 -23.13
N TYR A 144 -1.95 30.59 -22.51
CA TYR A 144 -3.02 29.67 -22.94
C TYR A 144 -3.11 28.45 -22.01
N PRO A 145 -4.26 27.77 -22.00
CA PRO A 145 -4.44 26.58 -21.15
C PRO A 145 -3.36 25.57 -21.55
N HIS A 146 -2.85 24.82 -20.58
CA HIS A 146 -1.77 23.90 -20.89
C HIS A 146 -1.57 22.76 -19.91
N ILE A 147 -0.78 21.78 -20.35
CA ILE A 147 -0.41 20.66 -19.50
C ILE A 147 1.07 20.94 -19.32
N GLY A 148 1.57 20.84 -18.08
CA GLY A 148 2.97 21.11 -17.89
C GLY A 148 3.62 20.16 -16.91
N ILE A 149 4.93 20.02 -17.05
CA ILE A 149 5.70 19.19 -16.16
C ILE A 149 6.44 20.19 -15.26
N ASP A 150 6.23 20.07 -13.96
CA ASP A 150 6.81 20.97 -12.96
C ASP A 150 7.86 20.24 -12.13
N VAL A 151 9.08 20.77 -12.12
CA VAL A 151 10.16 20.17 -11.35
C VAL A 151 10.67 21.27 -10.41
N ASN A 152 10.23 21.21 -9.16
CA ASN A 152 10.62 22.16 -8.11
C ASN A 152 10.24 23.62 -8.37
N SER A 153 9.32 23.86 -9.29
CA SER A 153 8.91 25.23 -9.59
C SER A 153 7.53 25.25 -10.24
N ILE A 154 6.78 26.32 -10.00
CA ILE A 154 5.44 26.45 -10.58
C ILE A 154 5.60 26.81 -12.05
N ARG A 155 6.80 27.25 -12.43
CA ARG A 155 7.07 27.59 -13.82
C ARG A 155 7.53 26.29 -14.47
N SER A 156 6.63 25.68 -15.22
CA SER A 156 6.88 24.40 -15.87
C SER A 156 8.14 24.36 -16.73
N VAL A 157 8.87 23.25 -16.68
CA VAL A 157 10.07 23.10 -17.48
C VAL A 157 9.66 22.76 -18.90
N LYS A 158 8.44 22.26 -19.06
CA LYS A 158 7.95 21.89 -20.39
C LYS A 158 6.42 21.94 -20.37
N THR A 159 5.82 22.51 -21.42
CA THR A 159 4.37 22.59 -21.50
C THR A 159 3.87 22.26 -22.90
N VAL A 160 2.58 21.97 -23.00
CA VAL A 160 1.96 21.72 -24.29
C VAL A 160 0.58 22.35 -24.26
N LYS A 161 0.21 22.99 -25.36
CA LYS A 161 -1.09 23.63 -25.50
C LYS A 161 -2.16 22.57 -25.23
N TRP A 162 -3.14 22.91 -24.39
CA TRP A 162 -4.21 21.98 -24.04
C TRP A 162 -5.58 22.66 -24.14
N ASP A 163 -6.62 21.85 -24.33
CA ASP A 163 -7.98 22.38 -24.45
C ASP A 163 -8.83 21.91 -23.27
N ARG A 164 -9.41 22.87 -22.56
CA ARG A 164 -10.28 22.55 -21.43
C ARG A 164 -11.67 22.27 -21.98
N ARG A 165 -12.27 21.15 -21.55
CA ARG A 165 -13.61 20.80 -22.00
C ARG A 165 -14.49 20.56 -20.77
N ASP A 166 -15.38 21.51 -20.51
CA ASP A 166 -16.26 21.44 -19.36
C ASP A 166 -17.04 20.12 -19.30
N GLY A 167 -16.95 19.44 -18.16
CA GLY A 167 -17.68 18.21 -17.97
C GLY A 167 -17.15 16.93 -18.61
N GLN A 168 -16.17 17.04 -19.50
CA GLN A 168 -15.63 15.84 -20.14
C GLN A 168 -14.40 15.27 -19.43
N SER A 169 -14.42 13.96 -19.23
CA SER A 169 -13.32 13.28 -18.55
C SER A 169 -12.07 13.17 -19.41
N LEU A 170 -10.93 13.48 -18.83
CA LEU A 170 -9.66 13.39 -19.52
C LEU A 170 -8.94 12.19 -18.95
N ASN A 171 -8.50 11.28 -19.82
CA ASN A 171 -7.79 10.09 -19.40
C ASN A 171 -6.30 10.37 -19.52
N VAL A 172 -5.57 10.12 -18.43
CA VAL A 172 -4.14 10.41 -18.42
C VAL A 172 -3.26 9.24 -18.03
N LEU A 173 -2.13 9.14 -18.71
CA LEU A 173 -1.16 8.10 -18.42
C LEU A 173 0.18 8.81 -18.22
N VAL A 174 0.75 8.68 -17.03
CA VAL A 174 2.04 9.29 -16.71
C VAL A 174 3.00 8.15 -16.45
N THR A 175 4.12 8.12 -17.16
CA THR A 175 5.08 7.04 -16.98
C THR A 175 6.49 7.56 -16.85
N PHE A 176 7.27 6.91 -15.99
CA PHE A 176 8.68 7.29 -15.81
C PHE A 176 9.51 6.05 -16.09
N ASN A 177 10.47 6.18 -17.00
CA ASN A 177 11.35 5.09 -17.37
C ASN A 177 12.74 5.42 -16.83
N PRO A 178 13.23 4.66 -15.83
CA PRO A 178 14.55 4.91 -15.25
C PRO A 178 15.71 4.71 -16.22
N SER A 179 15.52 3.86 -17.23
CA SER A 179 16.56 3.59 -18.22
C SER A 179 16.85 4.82 -19.08
N THR A 180 15.80 5.51 -19.50
CA THR A 180 15.96 6.70 -20.35
C THR A 180 15.78 8.00 -19.54
N ARG A 181 15.22 7.86 -18.34
CA ARG A 181 14.96 9.00 -17.46
C ARG A 181 13.88 9.92 -18.03
N ASN A 182 13.07 9.39 -18.94
CA ASN A 182 12.00 10.18 -19.52
C ASN A 182 10.69 10.06 -18.75
N LEU A 183 10.09 11.21 -18.46
CA LEU A 183 8.80 11.27 -17.78
C LEU A 183 7.85 11.60 -18.92
N ASP A 184 7.01 10.65 -19.30
CA ASP A 184 6.08 10.86 -20.41
C ASP A 184 4.64 11.04 -19.94
N VAL A 185 3.94 11.96 -20.57
CA VAL A 185 2.56 12.23 -20.25
C VAL A 185 1.72 12.14 -21.51
N VAL A 186 0.68 11.33 -21.46
CA VAL A 186 -0.24 11.16 -22.57
C VAL A 186 -1.65 11.36 -22.02
N ALA A 187 -2.36 12.34 -22.57
CA ALA A 187 -3.72 12.64 -22.12
C ALA A 187 -4.66 12.59 -23.31
N THR A 188 -5.83 11.98 -23.14
CA THR A 188 -6.77 11.88 -24.23
C THR A 188 -8.22 12.04 -23.81
N TYR A 189 -9.02 12.65 -24.68
CA TYR A 189 -10.45 12.79 -24.42
C TYR A 189 -11.07 11.58 -25.12
N SER A 190 -12.31 11.26 -24.77
CA SER A 190 -12.97 10.10 -25.36
C SER A 190 -13.05 10.07 -26.88
N ASP A 191 -13.00 11.22 -27.53
CA ASP A 191 -13.08 11.26 -28.99
C ASP A 191 -11.75 10.99 -29.66
N GLY A 192 -10.71 10.74 -28.87
CA GLY A 192 -9.42 10.48 -29.44
C GLY A 192 -8.46 11.65 -29.46
N THR A 193 -8.93 12.85 -29.10
CA THR A 193 -8.05 14.01 -29.09
C THR A 193 -6.94 13.71 -28.08
N ARG A 194 -5.70 13.78 -28.54
CA ARG A 194 -4.55 13.42 -27.73
C ARG A 194 -3.53 14.55 -27.49
N TYR A 195 -2.93 14.57 -26.31
CA TYR A 195 -1.93 15.57 -25.97
C TYR A 195 -0.74 14.82 -25.38
N GLU A 196 0.46 15.20 -25.77
CA GLU A 196 1.66 14.53 -25.28
C GLU A 196 2.74 15.51 -24.87
N VAL A 197 3.40 15.23 -23.75
CA VAL A 197 4.49 16.08 -23.31
C VAL A 197 5.47 15.19 -22.54
N SER A 198 6.75 15.43 -22.76
CA SER A 198 7.77 14.62 -22.11
C SER A 198 8.95 15.46 -21.67
N TYR A 199 9.69 14.95 -20.69
CA TYR A 199 10.85 15.66 -20.17
C TYR A 199 11.80 14.67 -19.52
N GLU A 200 13.10 14.93 -19.66
CA GLU A 200 14.11 14.05 -19.10
C GLU A 200 14.50 14.59 -17.73
N VAL A 201 14.35 13.74 -16.71
CA VAL A 201 14.68 14.15 -15.35
C VAL A 201 15.24 13.01 -14.52
N ASP A 202 16.29 13.30 -13.75
CA ASP A 202 16.90 12.30 -12.89
C ASP A 202 16.21 12.48 -11.55
N VAL A 203 15.25 11.62 -11.25
CA VAL A 203 14.50 11.74 -10.01
C VAL A 203 15.38 11.68 -8.75
N ARG A 204 16.53 11.01 -8.84
CA ARG A 204 17.42 10.90 -7.69
C ARG A 204 17.96 12.24 -7.19
N SER A 205 18.07 13.21 -8.08
CA SER A 205 18.59 14.52 -7.69
C SER A 205 17.50 15.52 -7.31
N VAL A 206 16.24 15.08 -7.33
CA VAL A 206 15.13 15.95 -7.00
C VAL A 206 14.34 15.51 -5.77
N LEU A 207 14.15 14.20 -5.63
CA LEU A 207 13.38 13.66 -4.52
C LEU A 207 14.15 12.66 -3.66
N PRO A 208 13.72 12.48 -2.40
CA PRO A 208 14.35 11.54 -1.47
C PRO A 208 14.02 10.11 -1.93
N GLU A 209 14.65 9.11 -1.31
CA GLU A 209 14.43 7.72 -1.67
C GLU A 209 12.98 7.25 -1.49
N TRP A 210 12.33 7.72 -0.44
CA TRP A 210 10.94 7.37 -0.18
C TRP A 210 10.07 8.59 -0.36
N VAL A 211 8.98 8.43 -1.09
CA VAL A 211 8.06 9.55 -1.35
C VAL A 211 6.61 9.11 -1.25
N ARG A 212 5.72 10.08 -1.42
CA ARG A 212 4.29 9.80 -1.44
C ARG A 212 3.76 10.42 -2.73
N VAL A 213 2.70 9.82 -3.26
CA VAL A 213 2.13 10.30 -4.51
C VAL A 213 0.69 10.70 -4.28
N GLY A 214 0.20 11.66 -5.06
CA GLY A 214 -1.18 12.09 -4.88
C GLY A 214 -1.60 13.15 -5.88
N PHE A 215 -2.65 13.88 -5.54
CA PHE A 215 -3.19 14.93 -6.40
C PHE A 215 -3.47 16.18 -5.60
N SER A 216 -3.40 17.32 -6.28
CA SER A 216 -3.67 18.60 -5.65
C SER A 216 -4.48 19.43 -6.62
N ALA A 217 -5.32 20.31 -6.09
CA ALA A 217 -6.12 21.18 -6.93
C ALA A 217 -6.49 22.40 -6.12
N ALA A 218 -6.78 23.50 -6.81
CA ALA A 218 -7.15 24.73 -6.12
C ALA A 218 -7.93 25.66 -7.03
N SER A 219 -8.68 26.56 -6.40
CA SER A 219 -9.47 27.57 -7.10
C SER A 219 -9.26 28.86 -6.31
N GLY A 220 -8.87 29.93 -7.01
CA GLY A 220 -8.68 31.22 -6.37
C GLY A 220 -9.95 32.02 -6.52
N GLU A 221 -9.90 33.14 -7.24
CA GLU A 221 -11.11 33.94 -7.44
C GLU A 221 -11.99 33.32 -8.50
N GLN A 222 -11.38 32.61 -9.45
CA GLN A 222 -12.14 31.90 -10.47
C GLN A 222 -12.19 30.46 -9.96
N TYR A 223 -13.24 29.73 -10.33
CA TYR A 223 -13.41 28.38 -9.82
C TYR A 223 -14.01 27.37 -10.79
N GLN A 224 -13.91 26.10 -10.38
CA GLN A 224 -14.41 24.97 -11.14
C GLN A 224 -14.19 23.77 -10.24
N THR A 225 -14.97 22.71 -10.46
CA THR A 225 -14.79 21.51 -9.66
C THR A 225 -13.58 20.76 -10.23
N HIS A 226 -12.87 20.04 -9.37
CA HIS A 226 -11.72 19.24 -9.81
C HIS A 226 -12.05 17.84 -9.30
N THR A 227 -12.71 17.07 -10.15
CA THR A 227 -13.17 15.74 -9.83
C THR A 227 -12.28 14.60 -10.31
N LEU A 228 -11.64 13.90 -9.38
CA LEU A 228 -10.78 12.77 -9.69
C LEU A 228 -11.71 11.56 -9.69
N GLU A 229 -11.83 10.92 -10.84
CA GLU A 229 -12.73 9.79 -11.02
C GLU A 229 -12.17 8.38 -10.85
N SER A 230 -10.91 8.19 -11.23
CA SER A 230 -10.27 6.89 -11.09
C SER A 230 -8.76 7.08 -11.01
N TRP A 231 -8.07 6.09 -10.48
CA TRP A 231 -6.62 6.17 -10.34
C TRP A 231 -5.97 4.82 -10.08
N SER A 232 -4.96 4.48 -10.87
CA SER A 232 -4.22 3.24 -10.67
C SER A 232 -2.75 3.64 -10.70
N PHE A 233 -1.94 2.96 -9.88
CA PHE A 233 -0.53 3.29 -9.79
C PHE A 233 0.31 2.03 -9.57
N THR A 234 1.50 2.03 -10.15
CA THR A 234 2.40 0.90 -9.99
C THR A 234 3.84 1.40 -10.10
N SER A 235 4.72 0.85 -9.26
CA SER A 235 6.13 1.21 -9.31
C SER A 235 6.94 -0.04 -8.97
N THR A 236 8.10 -0.17 -9.61
CA THR A 236 8.98 -1.31 -9.40
C THR A 236 10.42 -0.82 -9.45
N LEU A 237 11.22 -1.15 -8.44
CA LEU A 237 12.63 -0.75 -8.45
C LEU A 237 13.34 -1.60 -9.49
N LEU A 238 14.10 -0.94 -10.37
CA LEU A 238 14.83 -1.62 -11.42
C LEU A 238 16.29 -1.24 -11.48
N TYR A 239 17.11 -2.17 -11.97
CA TYR A 239 18.53 -1.92 -12.12
C TYR A 239 18.74 -1.70 -13.62
N THR A 240 19.21 -0.52 -13.98
CA THR A 240 19.45 -0.20 -15.40
C THR A 240 20.93 0.05 -15.65
N ALA A 241 21.35 -0.12 -16.90
N PCA B 1 -8.72 1.18 -2.14
CA PCA B 1 -8.49 0.60 -3.50
CB PCA B 1 -6.99 0.57 -3.72
CG PCA B 1 -6.37 0.60 -2.37
CD PCA B 1 -7.39 1.21 -1.42
OE PCA B 1 -7.12 1.45 -0.25
C PCA B 1 -9.08 -0.80 -3.62
O PCA B 1 -9.06 -1.57 -2.66
N ASP B 2 -9.60 -1.11 -4.80
CA ASP B 2 -10.18 -2.43 -5.06
C ASP B 2 -9.05 -3.45 -5.20
N SER B 3 -7.88 -2.99 -5.63
CA SER B 3 -6.74 -3.87 -5.78
C SER B 3 -5.47 -3.31 -5.14
N LEU B 4 -4.67 -4.19 -4.58
CA LEU B 4 -3.44 -3.80 -3.90
C LEU B 4 -2.44 -4.94 -4.01
N SER B 5 -1.18 -4.60 -4.23
CA SER B 5 -0.14 -5.63 -4.28
C SER B 5 1.18 -4.99 -3.89
N PHE B 6 2.06 -5.81 -3.32
CA PHE B 6 3.37 -5.35 -2.93
C PHE B 6 4.28 -6.55 -2.86
N GLY B 7 5.58 -6.31 -3.08
CA GLY B 7 6.52 -7.41 -3.05
C GLY B 7 7.81 -7.07 -2.34
N PHE B 8 8.24 -7.97 -1.46
CA PHE B 8 9.50 -7.80 -0.73
C PHE B 8 10.40 -8.97 -1.11
N PRO B 9 11.22 -8.84 -2.16
CA PRO B 9 12.10 -9.95 -2.52
C PRO B 9 13.05 -10.24 -1.34
N THR B 10 13.37 -9.18 -0.60
CA THR B 10 14.21 -9.25 0.60
C THR B 10 13.71 -8.12 1.49
N PHE B 11 14.27 -8.00 2.69
CA PHE B 11 13.86 -6.96 3.64
C PHE B 11 15.02 -6.07 4.13
N PRO B 12 15.37 -5.03 3.35
CA PRO B 12 16.45 -4.12 3.74
C PRO B 12 16.05 -3.41 5.04
N SER B 13 17.03 -2.97 5.83
CA SER B 13 16.75 -2.32 7.10
C SER B 13 15.95 -1.03 7.01
N ASP B 14 15.96 -0.39 5.84
CA ASP B 14 15.23 0.85 5.66
C ASP B 14 13.77 0.64 5.27
N GLN B 15 12.92 0.37 6.27
CA GLN B 15 11.50 0.13 6.03
C GLN B 15 10.60 1.30 6.42
N LYS B 16 9.55 1.52 5.66
CA LYS B 16 8.62 2.61 5.94
C LYS B 16 7.19 2.13 6.07
N ASN B 17 6.85 1.05 5.37
CA ASN B 17 5.48 0.53 5.37
C ASN B 17 5.19 -0.72 6.20
N LEU B 18 6.04 -1.03 7.16
CA LEU B 18 5.79 -2.19 8.01
C LEU B 18 5.54 -1.74 9.44
N ILE B 19 4.58 -2.39 10.09
CA ILE B 19 4.27 -2.11 11.48
C ILE B 19 4.93 -3.23 12.28
N PHE B 20 5.89 -2.86 13.12
CA PHE B 20 6.61 -3.84 13.93
C PHE B 20 5.99 -3.91 15.32
N GLN B 21 5.70 -5.12 15.77
CA GLN B 21 5.12 -5.29 17.09
C GLN B 21 5.95 -6.31 17.86
N GLY B 22 6.04 -6.12 19.17
CA GLY B 22 6.82 -7.05 19.97
C GLY B 22 8.31 -6.95 19.67
N ASP B 23 8.96 -8.10 19.56
CA ASP B 23 10.40 -8.15 19.32
C ASP B 23 10.81 -8.20 17.85
N ALA B 24 9.83 -8.13 16.93
CA ALA B 24 10.11 -8.18 15.50
C ALA B 24 11.11 -7.10 15.09
N GLN B 25 12.05 -7.48 14.23
CA GLN B 25 13.09 -6.56 13.81
C GLN B 25 13.79 -7.08 12.56
N ILE B 26 14.34 -6.15 11.77
CA ILE B 26 15.04 -6.55 10.57
C ILE B 26 16.53 -6.73 10.83
N LYS B 27 17.08 -7.84 10.34
CA LYS B 27 18.49 -8.14 10.51
C LYS B 27 18.94 -8.96 9.31
N ASN B 28 20.06 -8.56 8.72
CA ASN B 28 20.62 -9.25 7.56
C ASN B 28 19.62 -9.43 6.42
N ASN B 29 18.92 -8.37 6.07
CA ASN B 29 17.93 -8.35 4.99
C ASN B 29 16.79 -9.34 5.13
N ALA B 30 16.45 -9.67 6.36
CA ALA B 30 15.35 -10.59 6.65
C ALA B 30 14.67 -10.12 7.93
N VAL B 31 13.42 -10.51 8.11
CA VAL B 31 12.71 -10.13 9.32
C VAL B 31 12.87 -11.21 10.37
N GLN B 32 13.42 -10.85 11.52
CA GLN B 32 13.56 -11.80 12.63
C GLN B 32 12.34 -11.50 13.50
N LEU B 33 11.32 -12.35 13.40
CA LEU B 33 10.11 -12.14 14.18
C LEU B 33 10.34 -12.27 15.68
N THR B 34 11.16 -13.26 16.06
CA THR B 34 11.48 -13.48 17.46
C THR B 34 12.89 -12.99 17.78
N LYS B 35 13.07 -12.54 19.01
CA LYS B 35 14.35 -12.00 19.48
C LYS B 35 15.53 -12.96 19.39
N THR B 36 16.70 -12.40 19.09
CA THR B 36 17.94 -13.16 18.99
C THR B 36 19.01 -12.36 19.74
N ASP B 37 19.98 -13.04 20.33
CA ASP B 37 21.03 -12.32 21.06
C ASP B 37 22.03 -11.68 20.10
N SER B 38 23.13 -11.18 20.66
CA SER B 38 24.18 -10.52 19.87
C SER B 38 24.78 -11.44 18.82
N ASN B 39 24.85 -12.73 19.12
CA ASN B 39 25.42 -13.70 18.20
C ASN B 39 24.40 -14.22 17.18
N GLY B 40 23.17 -13.75 17.28
CA GLY B 40 22.13 -14.18 16.36
C GLY B 40 21.44 -15.47 16.77
N ASN B 41 21.71 -15.91 18.00
CA ASN B 41 21.09 -17.11 18.52
C ASN B 41 19.73 -16.82 19.13
N PRO B 42 18.77 -17.74 18.97
CA PRO B 42 17.42 -17.59 19.50
C PRO B 42 17.39 -17.65 21.03
N VAL B 43 16.44 -16.95 21.62
CA VAL B 43 16.28 -16.92 23.08
C VAL B 43 14.82 -17.22 23.41
N ALA B 44 14.56 -17.59 24.66
CA ALA B 44 13.20 -17.91 25.08
C ALA B 44 12.39 -16.67 25.42
N SER B 45 11.08 -16.90 25.61
CA SER B 45 10.14 -15.84 25.98
C SER B 45 10.15 -14.62 25.08
N THR B 46 9.84 -14.83 23.80
CA THR B 46 9.81 -13.73 22.86
C THR B 46 8.64 -13.88 21.91
N VAL B 47 8.08 -12.74 21.50
CA VAL B 47 6.96 -12.71 20.56
C VAL B 47 7.16 -11.50 19.66
N GLY B 48 6.83 -11.64 18.39
CA GLY B 48 6.98 -10.54 17.46
C GLY B 48 6.05 -10.71 16.27
N ARG B 49 5.60 -9.60 15.69
CA ARG B 49 4.72 -9.66 14.55
C ARG B 49 5.01 -8.46 13.65
N ILE B 50 4.65 -8.57 12.37
CA ILE B 50 4.78 -7.45 11.45
C ILE B 50 3.49 -7.42 10.66
N LEU B 51 3.07 -6.23 10.25
CA LEU B 51 1.86 -6.06 9.46
C LEU B 51 2.20 -5.05 8.37
N PHE B 52 1.57 -5.18 7.21
CA PHE B 52 1.81 -4.19 6.17
C PHE B 52 0.93 -3.02 6.62
N SER B 53 1.42 -1.80 6.49
CA SER B 53 0.67 -0.63 6.93
C SER B 53 -0.65 -0.35 6.20
N ALA B 54 -0.65 -0.51 4.88
CA ALA B 54 -1.88 -0.26 4.12
C ALA B 54 -2.95 -1.31 4.41
N GLN B 55 -4.18 -0.86 4.62
CA GLN B 55 -5.26 -1.79 4.89
C GLN B 55 -5.74 -2.43 3.59
N VAL B 56 -6.13 -3.70 3.69
CA VAL B 56 -6.62 -4.45 2.53
C VAL B 56 -8.14 -4.51 2.54
N HIS B 57 -8.75 -4.26 1.40
CA HIS B 57 -10.21 -4.31 1.34
C HIS B 57 -10.56 -5.76 1.01
N LEU B 58 -10.86 -6.54 2.03
CA LEU B 58 -11.18 -7.97 1.89
C LEU B 58 -12.53 -8.24 1.23
N TRP B 59 -13.55 -7.50 1.65
CA TRP B 59 -14.87 -7.64 1.04
C TRP B 59 -15.64 -6.35 1.17
N GLU B 60 -16.67 -6.19 0.34
CA GLU B 60 -17.46 -4.96 0.36
C GLU B 60 -18.94 -5.27 0.36
N LYS B 61 -19.62 -4.93 1.46
CA LYS B 61 -21.05 -5.20 1.60
C LYS B 61 -21.90 -4.60 0.47
N SER B 62 -21.81 -3.28 0.32
CA SER B 62 -22.59 -2.58 -0.70
C SER B 62 -22.56 -3.18 -2.11
N SER B 63 -21.42 -3.72 -2.52
CA SER B 63 -21.31 -4.28 -3.87
C SER B 63 -21.30 -5.80 -3.93
N SER B 64 -21.40 -6.46 -2.78
CA SER B 64 -21.41 -7.92 -2.74
C SER B 64 -20.13 -8.53 -3.34
N ARG B 65 -19.02 -7.82 -3.25
CA ARG B 65 -17.76 -8.34 -3.79
C ARG B 65 -16.87 -8.88 -2.67
N VAL B 66 -16.02 -9.84 -3.03
CA VAL B 66 -15.08 -10.45 -2.10
C VAL B 66 -13.75 -10.56 -2.82
N ALA B 67 -12.67 -10.30 -2.09
CA ALA B 67 -11.35 -10.34 -2.70
C ALA B 67 -10.77 -11.71 -2.98
N ASN B 68 -10.01 -11.76 -4.06
CA ASN B 68 -9.27 -12.93 -4.47
C ASN B 68 -7.87 -12.46 -4.07
N PHE B 69 -7.18 -13.20 -3.21
CA PHE B 69 -5.84 -12.78 -2.82
C PHE B 69 -4.87 -13.94 -2.81
N GLN B 70 -3.60 -13.61 -2.93
CA GLN B 70 -2.54 -14.60 -2.94
C GLN B 70 -1.39 -14.05 -2.11
N SER B 71 -0.80 -14.89 -1.27
CA SER B 71 0.32 -14.47 -0.45
C SER B 71 1.40 -15.52 -0.62
N GLN B 72 2.54 -15.10 -1.16
CA GLN B 72 3.66 -16.01 -1.39
C GLN B 72 4.77 -15.56 -0.44
N PHE B 73 5.37 -16.49 0.27
CA PHE B 73 6.43 -16.12 1.19
C PHE B 73 7.38 -17.27 1.49
N SER B 74 8.54 -16.92 2.05
CA SER B 74 9.56 -17.91 2.37
C SER B 74 10.11 -17.63 3.77
N PHE B 75 10.35 -18.68 4.54
CA PHE B 75 10.91 -18.51 5.88
C PHE B 75 11.78 -19.72 6.22
N SER B 76 12.56 -19.57 7.27
CA SER B 76 13.43 -20.65 7.74
C SER B 76 13.45 -20.59 9.26
N LEU B 77 13.61 -21.75 9.88
CA LEU B 77 13.63 -21.85 11.33
C LEU B 77 14.94 -22.53 11.72
N LYS B 78 15.59 -22.05 12.78
CA LYS B 78 16.85 -22.65 13.21
C LYS B 78 16.93 -22.67 14.73
N SER B 79 17.42 -23.79 15.28
CA SER B 79 17.55 -23.92 16.73
C SER B 79 18.53 -25.02 17.10
N PRO B 80 19.40 -24.75 18.08
CA PRO B 80 20.37 -25.78 18.50
C PRO B 80 19.65 -26.89 19.28
N LEU B 81 18.43 -26.60 19.71
CA LEU B 81 17.62 -27.54 20.49
C LEU B 81 16.97 -28.61 19.62
N SER B 82 16.63 -29.74 20.23
CA SER B 82 15.99 -30.82 19.50
C SER B 82 14.49 -30.56 19.33
N ASN B 83 13.96 -29.63 20.13
CA ASN B 83 12.55 -29.30 20.08
C ASN B 83 12.27 -27.80 19.98
N GLY B 84 12.74 -27.18 18.90
CA GLY B 84 12.52 -25.77 18.69
C GLY B 84 11.05 -25.40 18.69
N ALA B 85 10.72 -24.25 19.27
CA ALA B 85 9.34 -23.78 19.36
C ALA B 85 9.30 -22.27 19.15
N ASP B 86 8.12 -21.70 18.92
CA ASP B 86 6.85 -22.41 18.85
C ASP B 86 6.23 -22.48 17.46
N GLY B 87 6.62 -21.57 16.57
CA GLY B 87 6.06 -21.59 15.23
C GLY B 87 5.83 -20.20 14.68
N ILE B 88 5.53 -20.16 13.38
CA ILE B 88 5.29 -18.91 12.69
C ILE B 88 3.96 -19.01 11.98
N ALA B 89 3.29 -17.88 11.83
CA ALA B 89 1.99 -17.86 11.15
C ALA B 89 1.76 -16.62 10.32
N PHE B 90 1.11 -16.82 9.17
CA PHE B 90 0.70 -15.73 8.29
C PHE B 90 -0.72 -15.49 8.80
N PHE B 91 -1.12 -14.25 8.99
CA PHE B 91 -2.46 -14.02 9.48
C PHE B 91 -3.15 -12.80 8.92
N ILE B 92 -4.47 -12.78 9.07
CA ILE B 92 -5.31 -11.70 8.59
C ILE B 92 -6.19 -11.35 9.78
N ALA B 93 -6.22 -10.07 10.16
CA ALA B 93 -7.01 -9.65 11.30
C ALA B 93 -7.48 -8.21 11.15
N PRO B 94 -8.30 -7.72 12.10
CA PRO B 94 -8.78 -6.34 12.02
C PRO B 94 -7.58 -5.41 12.04
N PRO B 95 -7.68 -4.24 11.39
CA PRO B 95 -6.60 -3.25 11.31
C PRO B 95 -5.92 -2.82 12.60
N ASP B 96 -6.67 -2.78 13.70
CA ASP B 96 -6.11 -2.35 14.98
C ASP B 96 -5.58 -3.49 15.84
N THR B 97 -5.32 -4.65 15.22
CA THR B 97 -4.81 -5.80 15.96
C THR B 97 -3.45 -5.56 16.62
N THR B 98 -3.33 -6.02 17.86
CA THR B 98 -2.09 -5.89 18.62
C THR B 98 -1.83 -7.22 19.32
N ILE B 99 -0.61 -7.41 19.81
CA ILE B 99 -0.28 -8.65 20.50
C ILE B 99 -1.11 -8.78 21.77
N PRO B 100 -1.91 -9.86 21.89
CA PRO B 100 -2.75 -10.07 23.07
C PRO B 100 -1.89 -10.33 24.31
N SER B 101 -2.38 -9.89 25.46
CA SER B 101 -1.64 -10.09 26.70
C SER B 101 -1.57 -11.59 26.97
N GLY B 102 -0.36 -12.09 27.24
CA GLY B 102 -0.16 -13.50 27.53
C GLY B 102 -0.31 -14.44 26.34
N SER B 103 -0.10 -13.92 25.13
CA SER B 103 -0.25 -14.72 23.93
C SER B 103 1.05 -15.41 23.47
N GLY B 104 2.03 -15.50 24.35
CA GLY B 104 3.29 -16.12 23.98
C GLY B 104 3.25 -17.64 23.84
N GLY B 105 4.42 -18.21 23.57
CA GLY B 105 4.52 -19.65 23.43
C GLY B 105 3.60 -20.28 22.39
N GLY B 106 2.87 -21.30 22.80
CA GLY B 106 1.96 -22.00 21.91
C GLY B 106 0.81 -21.20 21.36
N LEU B 107 0.60 -19.99 21.88
CA LEU B 107 -0.51 -19.16 21.38
C LEU B 107 -0.04 -18.33 20.19
N LEU B 108 1.25 -18.47 19.86
CA LEU B 108 1.86 -17.82 18.70
C LEU B 108 1.68 -16.31 18.55
N GLY B 109 1.38 -15.63 19.65
CA GLY B 109 1.18 -14.18 19.59
C GLY B 109 -0.11 -13.77 18.92
N LEU B 110 -1.01 -14.73 18.72
CA LEU B 110 -2.29 -14.46 18.06
C LEU B 110 -3.52 -14.53 18.97
N PHE B 111 -3.44 -15.30 20.05
CA PHE B 111 -4.59 -15.43 20.94
C PHE B 111 -4.30 -15.18 22.41
N ALA B 112 -5.34 -14.79 23.13
CA ALA B 112 -5.25 -14.56 24.57
C ALA B 112 -5.60 -15.90 25.19
N PRO B 113 -4.94 -16.26 26.31
CA PRO B 113 -5.18 -17.53 26.99
C PRO B 113 -6.64 -17.84 27.31
N GLY B 114 -7.35 -16.85 27.83
CA GLY B 114 -8.75 -17.04 28.20
C GLY B 114 -9.73 -17.37 27.10
N THR B 115 -9.47 -16.92 25.88
CA THR B 115 -10.38 -17.17 24.77
C THR B 115 -9.73 -17.79 23.53
N ALA B 116 -8.55 -18.37 23.72
CA ALA B 116 -7.81 -18.99 22.62
C ALA B 116 -8.60 -20.03 21.84
N GLN B 117 -9.57 -20.66 22.49
CA GLN B 117 -10.38 -21.67 21.81
C GLN B 117 -11.85 -21.31 21.74
N ASN B 118 -12.15 -20.04 21.93
CA ASN B 118 -13.53 -19.55 21.86
C ASN B 118 -13.67 -18.84 20.52
N THR B 119 -14.25 -19.53 19.53
CA THR B 119 -14.42 -18.97 18.20
C THR B 119 -15.26 -17.70 18.11
N SER B 120 -16.06 -17.43 19.13
CA SER B 120 -16.91 -16.25 19.12
C SER B 120 -16.21 -15.02 19.70
N ALA B 121 -15.03 -15.22 20.28
CA ALA B 121 -14.31 -14.10 20.89
C ALA B 121 -13.15 -13.61 20.05
N ASN B 122 -12.95 -14.22 18.88
CA ASN B 122 -11.84 -13.84 18.01
C ASN B 122 -12.25 -13.53 16.59
N GLN B 123 -11.37 -12.79 15.90
CA GLN B 123 -11.56 -12.43 14.51
C GLN B 123 -10.19 -12.54 13.86
N VAL B 124 -9.85 -13.75 13.42
CA VAL B 124 -8.55 -13.96 12.81
C VAL B 124 -8.51 -15.25 11.99
N ILE B 125 -7.83 -15.18 10.85
CA ILE B 125 -7.63 -16.33 9.99
C ILE B 125 -6.11 -16.40 9.87
N ALA B 126 -5.56 -17.57 10.16
CA ALA B 126 -4.12 -17.72 10.07
C ALA B 126 -3.73 -19.10 9.56
N VAL B 127 -2.55 -19.17 8.96
CA VAL B 127 -2.00 -20.41 8.47
C VAL B 127 -0.76 -20.55 9.34
N GLU B 128 -0.75 -21.56 10.20
CA GLU B 128 0.38 -21.76 11.11
C GLU B 128 1.30 -22.92 10.72
N PHE B 129 2.58 -22.75 11.07
CA PHE B 129 3.60 -23.77 10.85
C PHE B 129 4.06 -23.96 12.29
N ASP B 130 3.44 -24.97 12.91
CA ASP B 130 3.61 -25.30 14.32
C ASP B 130 4.62 -26.41 14.57
N THR B 131 5.71 -26.09 15.27
CA THR B 131 6.76 -27.05 15.54
C THR B 131 6.76 -27.66 16.95
N PHE B 132 5.93 -27.12 17.84
CA PHE B 132 5.90 -27.61 19.22
C PHE B 132 4.50 -28.14 19.53
N TYR B 133 4.43 -29.41 19.92
CA TYR B 133 3.14 -30.04 20.18
C TYR B 133 3.04 -30.87 21.47
N ALA B 134 3.87 -30.56 22.46
CA ALA B 134 3.82 -31.29 23.73
C ALA B 134 2.37 -31.36 24.19
N GLN B 135 1.83 -32.58 24.27
CA GLN B 135 0.46 -32.80 24.66
C GLN B 135 0.04 -32.27 26.04
N ASP B 136 1.02 -31.94 26.87
CA ASP B 136 0.73 -31.43 28.20
C ASP B 136 0.53 -29.92 28.24
N SER B 137 1.20 -29.20 27.34
CA SER B 137 1.08 -27.74 27.29
C SER B 137 0.24 -27.29 26.10
N ASN B 138 0.49 -27.86 24.93
CA ASN B 138 -0.28 -27.51 23.73
C ASN B 138 -1.31 -28.63 23.54
N THR B 139 -2.25 -28.71 24.47
CA THR B 139 -3.29 -29.74 24.45
C THR B 139 -4.14 -29.78 23.19
N TRP B 140 -4.28 -28.64 22.53
CA TRP B 140 -5.08 -28.53 21.31
C TRP B 140 -4.44 -29.09 20.04
N ASP B 141 -3.13 -29.33 20.07
CA ASP B 141 -2.41 -29.84 18.90
C ASP B 141 -2.40 -31.34 18.66
N PRO B 142 -2.25 -31.75 17.40
CA PRO B 142 -2.16 -33.15 17.03
C PRO B 142 -0.77 -33.49 17.56
N ASN B 143 -0.44 -34.77 17.69
CA ASN B 143 0.88 -35.10 18.23
C ASN B 143 2.01 -35.22 17.21
N TYR B 144 2.32 -34.10 16.55
CA TYR B 144 3.39 -34.03 15.56
C TYR B 144 3.45 -32.65 14.94
N PRO B 145 4.61 -32.25 14.38
CA PRO B 145 4.73 -30.92 13.76
C PRO B 145 3.69 -30.86 12.64
N HIS B 146 3.11 -29.69 12.43
CA HIS B 146 2.06 -29.59 11.43
C HIS B 146 1.82 -28.21 10.87
N ILE B 147 1.11 -28.18 9.75
CA ILE B 147 0.70 -26.94 9.12
C ILE B 147 -0.79 -26.92 9.49
N GLY B 148 -1.27 -25.78 9.95
CA GLY B 148 -2.67 -25.72 10.32
C GLY B 148 -3.38 -24.47 9.84
N ILE B 149 -4.68 -24.59 9.62
CA ILE B 149 -5.49 -23.45 9.21
C ILE B 149 -6.29 -23.10 10.47
N ASP B 150 -6.10 -21.88 10.95
CA ASP B 150 -6.77 -21.43 12.17
C ASP B 150 -7.84 -20.39 11.86
N VAL B 151 -9.07 -20.67 12.29
CA VAL B 151 -10.17 -19.74 12.10
C VAL B 151 -10.75 -19.44 13.46
N ASN B 152 -10.37 -18.29 14.01
CA ASN B 152 -10.82 -17.82 15.32
C ASN B 152 -10.47 -18.70 16.51
N SER B 153 -9.51 -19.60 16.34
CA SER B 153 -9.11 -20.47 17.43
C SER B 153 -7.72 -21.07 17.21
N ILE B 154 -7.00 -21.30 18.31
CA ILE B 154 -5.67 -21.88 18.22
C ILE B 154 -5.79 -23.36 17.87
N ARG B 155 -6.98 -23.94 18.08
CA ARG B 155 -7.23 -25.32 17.73
C ARG B 155 -7.62 -25.28 16.25
N SER B 156 -6.67 -25.61 15.38
CA SER B 156 -6.86 -25.58 13.94
C SER B 156 -8.10 -26.30 13.43
N VAL B 157 -8.78 -25.71 12.44
CA VAL B 157 -9.96 -26.34 11.86
C VAL B 157 -9.45 -27.56 11.10
N LYS B 158 -8.16 -27.56 10.82
CA LYS B 158 -7.53 -28.71 10.17
C LYS B 158 -6.02 -28.60 10.07
N THR B 159 -5.37 -29.75 10.12
CA THR B 159 -3.92 -29.82 10.04
C THR B 159 -3.48 -30.94 9.13
N VAL B 160 -2.22 -30.87 8.71
CA VAL B 160 -1.60 -31.91 7.90
C VAL B 160 -0.21 -32.07 8.49
N LYS B 161 0.32 -33.29 8.44
CA LYS B 161 1.64 -33.58 8.97
C LYS B 161 2.67 -32.78 8.19
N TRP B 162 3.63 -32.20 8.90
CA TRP B 162 4.67 -31.39 8.30
C TRP B 162 6.01 -31.75 8.91
N ASP B 163 7.07 -31.60 8.13
CA ASP B 163 8.41 -31.91 8.62
C ASP B 163 9.19 -30.62 8.83
N ARG B 164 9.71 -30.43 10.04
CA ARG B 164 10.52 -29.25 10.34
C ARG B 164 11.94 -29.57 9.89
N ARG B 165 12.55 -28.68 9.11
CA ARG B 165 13.91 -28.90 8.66
C ARG B 165 14.73 -27.68 9.06
N ASP B 166 15.64 -27.89 10.01
CA ASP B 166 16.47 -26.82 10.54
C ASP B 166 17.28 -26.11 9.46
N GLY B 167 17.17 -24.79 9.43
CA GLY B 167 17.92 -23.99 8.46
C GLY B 167 17.53 -24.05 7.01
N GLN B 168 16.47 -24.78 6.67
CA GLN B 168 16.03 -24.87 5.28
C GLN B 168 14.83 -23.99 5.01
N SER B 169 14.86 -23.27 3.89
CA SER B 169 13.75 -22.38 3.54
C SER B 169 12.53 -23.13 3.03
N LEU B 170 11.36 -22.70 3.50
CA LEU B 170 10.11 -23.30 3.06
C LEU B 170 9.42 -22.21 2.23
N ASN B 171 9.00 -22.54 1.02
CA ASN B 171 8.28 -21.59 0.18
C ASN B 171 6.81 -21.92 0.29
N VAL B 172 6.00 -20.91 0.58
CA VAL B 172 4.58 -21.12 0.78
C VAL B 172 3.72 -20.20 -0.10
N LEU B 173 2.64 -20.76 -0.63
CA LEU B 173 1.70 -19.98 -1.42
C LEU B 173 0.33 -20.17 -0.77
N VAL B 174 -0.27 -19.08 -0.32
CA VAL B 174 -1.60 -19.14 0.30
C VAL B 174 -2.52 -18.36 -0.63
N THR B 175 -3.62 -18.98 -1.05
CA THR B 175 -4.54 -18.30 -1.94
C THR B 175 -5.98 -18.49 -1.48
N PHE B 176 -6.83 -17.54 -1.84
CA PHE B 176 -8.25 -17.60 -1.51
C PHE B 176 -9.02 -17.24 -2.76
N ASN B 177 -9.93 -18.13 -3.15
CA ASN B 177 -10.76 -17.94 -4.33
C ASN B 177 -12.17 -17.68 -3.80
N PRO B 178 -12.69 -16.46 -3.96
CA PRO B 178 -14.04 -16.12 -3.49
C PRO B 178 -15.17 -16.90 -4.16
N SER B 179 -14.93 -17.41 -5.36
CA SER B 179 -15.96 -18.17 -6.08
C SER B 179 -16.25 -19.51 -5.41
N THR B 180 -15.19 -20.19 -4.99
CA THR B 180 -15.33 -21.48 -4.34
C THR B 180 -15.21 -21.38 -2.83
N ARG B 181 -14.74 -20.22 -2.37
CA ARG B 181 -14.52 -19.95 -0.95
C ARG B 181 -13.44 -20.85 -0.37
N ASN B 182 -12.56 -21.36 -1.24
CA ASN B 182 -11.48 -22.22 -0.78
C ASN B 182 -10.21 -21.44 -0.44
N LEU B 183 -9.65 -21.75 0.72
CA LEU B 183 -8.38 -21.17 1.16
C LEU B 183 -7.41 -22.33 0.95
N ASP B 184 -6.50 -22.18 -0.02
CA ASP B 184 -5.53 -23.22 -0.30
C ASP B 184 -4.13 -22.86 0.17
N VAL B 185 -3.42 -23.86 0.67
CA VAL B 185 -2.06 -23.66 1.13
C VAL B 185 -1.18 -24.72 0.47
N VAL B 186 -0.11 -24.26 -0.16
CA VAL B 186 0.85 -25.16 -0.79
C VAL B 186 2.22 -24.73 -0.29
N ALA B 187 2.96 -25.66 0.30
CA ALA B 187 4.29 -25.35 0.83
C ALA B 187 5.29 -26.36 0.27
N THR B 188 6.48 -25.88 -0.06
CA THR B 188 7.50 -26.78 -0.60
C THR B 188 8.91 -26.46 -0.10
N TYR B 189 9.73 -27.50 -0.01
CA TYR B 189 11.14 -27.36 0.35
C TYR B 189 11.87 -27.43 -0.99
N SER B 190 13.11 -26.99 -1.03
CA SER B 190 13.89 -26.95 -2.27
C SER B 190 14.15 -28.30 -2.95
N ASP B 191 13.86 -29.40 -2.26
CA ASP B 191 14.09 -30.72 -2.85
C ASP B 191 12.82 -31.27 -3.48
N GLY B 192 11.77 -30.46 -3.53
CA GLY B 192 10.52 -30.91 -4.12
C GLY B 192 9.47 -31.44 -3.15
N THR B 193 9.85 -31.65 -1.90
CA THR B 193 8.90 -32.14 -0.91
C THR B 193 7.77 -31.11 -0.82
N ARG B 194 6.54 -31.59 -0.94
CA ARG B 194 5.37 -30.72 -0.97
C ARG B 194 4.30 -31.05 0.06
N TYR B 195 3.63 -30.02 0.57
CA TYR B 195 2.54 -30.18 1.54
C TYR B 195 1.36 -29.34 1.04
N GLU B 196 0.16 -29.91 1.11
CA GLU B 196 -1.04 -29.20 0.66
C GLU B 196 -2.19 -29.36 1.65
N VAL B 197 -2.94 -28.29 1.85
CA VAL B 197 -4.10 -28.33 2.74
C VAL B 197 -5.05 -27.24 2.27
N SER B 198 -6.35 -27.56 2.27
CA SER B 198 -7.37 -26.62 1.82
C SER B 198 -8.55 -26.61 2.78
N TYR B 199 -9.26 -25.47 2.84
CA TYR B 199 -10.41 -25.34 3.70
C TYR B 199 -11.38 -24.35 3.12
N GLU B 200 -12.66 -24.67 3.17
CA GLU B 200 -13.69 -23.79 2.63
C GLU B 200 -14.17 -22.87 3.74
N VAL B 201 -14.03 -21.57 3.54
CA VAL B 201 -14.45 -20.60 4.55
C VAL B 201 -14.96 -19.30 3.91
N ASP B 202 -16.07 -18.79 4.45
CA ASP B 202 -16.65 -17.54 3.97
C ASP B 202 -15.99 -16.47 4.84
N VAL B 203 -15.01 -15.76 4.30
CA VAL B 203 -14.31 -14.76 5.07
C VAL B 203 -15.21 -13.63 5.58
N ARG B 204 -16.32 -13.39 4.88
CA ARG B 204 -17.25 -12.33 5.29
C ARG B 204 -17.87 -12.60 6.65
N SER B 205 -17.93 -13.86 7.05
CA SER B 205 -18.52 -14.25 8.34
C SER B 205 -17.52 -14.20 9.47
N VAL B 206 -16.24 -14.07 9.13
CA VAL B 206 -15.18 -14.06 10.13
C VAL B 206 -14.45 -12.73 10.31
N LEU B 207 -14.22 -12.02 9.22
CA LEU B 207 -13.48 -10.76 9.26
C LEU B 207 -14.23 -9.53 8.75
N PRO B 208 -13.81 -8.34 9.22
CA PRO B 208 -14.41 -7.07 8.81
C PRO B 208 -14.03 -6.78 7.35
N GLU B 209 -14.68 -5.80 6.75
CA GLU B 209 -14.41 -5.46 5.35
C GLU B 209 -12.97 -5.05 5.08
N TRP B 210 -12.37 -4.31 6.00
CA TRP B 210 -10.98 -3.89 5.87
C TRP B 210 -10.14 -4.60 6.92
N VAL B 211 -8.98 -5.10 6.51
CA VAL B 211 -8.11 -5.84 7.42
C VAL B 211 -6.65 -5.52 7.15
N ARG B 212 -5.78 -6.06 7.99
CA ARG B 212 -4.34 -5.93 7.79
C ARG B 212 -3.81 -7.35 7.74
N VAL B 213 -2.72 -7.54 7.01
CA VAL B 213 -2.12 -8.85 6.86
C VAL B 213 -0.68 -8.82 7.35
N GLY B 214 -0.21 -9.94 7.86
CA GLY B 214 1.15 -9.99 8.35
C GLY B 214 1.56 -11.34 8.87
N PHE B 215 2.59 -11.36 9.70
CA PHE B 215 3.11 -12.59 10.27
C PHE B 215 3.32 -12.45 11.75
N SER B 216 3.26 -13.58 12.45
CA SER B 216 3.45 -13.59 13.89
C SER B 216 4.23 -14.84 14.25
N ALA B 217 5.02 -14.77 15.31
CA ALA B 217 5.80 -15.92 15.75
C ALA B 217 6.10 -15.74 17.22
N ALA B 218 6.40 -16.84 17.89
CA ALA B 218 6.69 -16.78 19.31
C ALA B 218 7.51 -17.99 19.75
N SER B 219 8.14 -17.84 20.91
CA SER B 219 8.93 -18.89 21.53
C SER B 219 8.66 -18.77 23.03
N GLY B 220 8.33 -19.90 23.65
CA GLY B 220 8.09 -19.90 25.09
C GLY B 220 9.35 -20.38 25.78
N GLU B 221 9.29 -21.52 26.47
CA GLU B 221 10.47 -22.06 27.13
C GLU B 221 11.43 -22.67 26.13
N GLN B 222 10.90 -23.18 25.02
CA GLN B 222 11.72 -23.73 23.95
C GLN B 222 11.79 -22.61 22.92
N TYR B 223 12.84 -22.60 22.11
CA TYR B 223 13.01 -21.52 21.16
C TYR B 223 13.68 -21.89 19.85
N GLN B 224 13.56 -20.98 18.89
CA GLN B 224 14.14 -21.13 17.56
C GLN B 224 13.95 -19.77 16.88
N THR B 225 14.77 -19.48 15.88
CA THR B 225 14.59 -18.22 15.16
C THR B 225 13.43 -18.46 14.20
N HIS B 226 12.72 -17.39 13.86
CA HIS B 226 11.62 -17.47 12.89
C HIS B 226 11.96 -16.35 11.92
N THR B 227 12.61 -16.72 10.83
CA THR B 227 13.10 -15.76 9.84
C THR B 227 12.28 -15.67 8.56
N LEU B 228 11.62 -14.53 8.37
CA LEU B 228 10.82 -14.30 7.17
C LEU B 228 11.80 -13.75 6.15
N GLU B 229 11.98 -14.49 5.06
CA GLU B 229 12.94 -14.13 4.03
C GLU B 229 12.42 -13.32 2.85
N SER B 230 11.18 -13.57 2.44
CA SER B 230 10.59 -12.82 1.33
C SER B 230 9.07 -12.89 1.44
N TRP B 231 8.39 -11.98 0.75
CA TRP B 231 6.93 -11.94 0.81
C TRP B 231 6.34 -11.07 -0.29
N SER B 232 5.34 -11.60 -0.99
CA SER B 232 4.64 -10.84 -2.00
C SER B 232 3.16 -11.08 -1.74
N PHE B 233 2.35 -10.06 -1.96
CA PHE B 233 0.92 -10.18 -1.69
C PHE B 233 0.13 -9.42 -2.73
N THR B 234 -1.03 -9.96 -3.10
CA THR B 234 -1.89 -9.31 -4.07
C THR B 234 -3.33 -9.64 -3.75
N SER B 235 -4.20 -8.65 -3.89
CA SER B 235 -5.62 -8.86 -3.64
C SER B 235 -6.43 -7.97 -4.57
N THR B 236 -7.54 -8.51 -5.06
CA THR B 236 -8.40 -7.74 -5.95
C THR B 236 -9.85 -8.13 -5.67
N LEU B 237 -10.72 -7.14 -5.57
CA LEU B 237 -12.14 -7.39 -5.31
C LEU B 237 -12.81 -7.94 -6.57
N LEU B 238 -13.57 -9.03 -6.41
CA LEU B 238 -14.27 -9.66 -7.52
C LEU B 238 -15.75 -9.87 -7.23
N TYR B 239 -16.57 -9.82 -8.28
CA TYR B 239 -18.00 -10.03 -8.13
C TYR B 239 -18.24 -11.49 -7.76
N THR B 240 -19.11 -11.73 -6.79
CA THR B 240 -19.43 -13.08 -6.34
C1 MAN C . -8.19 37.63 -11.93
C2 MAN C . -7.15 36.72 -11.27
C3 MAN C . -7.11 37.00 -9.77
C4 MAN C . -6.80 38.47 -9.53
C5 MAN C . -7.86 39.33 -10.24
C6 MAN C . -7.58 40.81 -10.12
O1 MAN C . -9.45 37.35 -11.42
O2 MAN C . -5.87 36.97 -11.84
O3 MAN C . -6.12 36.17 -9.12
O4 MAN C . -6.80 38.75 -8.14
O5 MAN C . -7.89 39.01 -11.65
O6 MAN C . -6.27 41.11 -10.59
C1 MAN C . -6.64 35.21 -8.25
C2 MAN C . -5.50 34.49 -7.53
C3 MAN C . -4.70 33.63 -8.53
C4 MAN C . -5.64 32.68 -9.27
C5 MAN C . -6.80 33.47 -9.92
C6 MAN C . -7.83 32.56 -10.55
O2 MAN C . -6.04 33.65 -6.52
O3 MAN C . -3.72 32.88 -7.83
O4 MAN C . -4.91 32.00 -10.29
O5 MAN C . -7.47 34.26 -8.91
O6 MAN C . -8.50 31.78 -9.57
C6 BMA D . 5.46 -27.74 32.33
O6 BMA D . 6.00 -28.44 31.19
C1 MAN D . 5.30 -28.17 30.01
C2 MAN D . 5.93 -28.96 28.85
C3 MAN D . 7.31 -28.40 28.50
C4 MAN D . 7.23 -26.89 28.24
C5 MAN D . 6.59 -26.21 29.45
C6 MAN D . 6.43 -24.71 29.31
O2 MAN D . 5.09 -28.90 27.71
O3 MAN D . 7.84 -29.06 27.35
O4 MAN D . 8.53 -26.37 28.02
O5 MAN D . 5.28 -26.77 29.70
O6 MAN D . 5.55 -24.41 28.21
C1 MAN D . 8.91 -29.92 27.59
C2 MAN D . 9.65 -30.23 26.28
C3 MAN D . 8.77 -31.11 25.37
C4 MAN D . 8.30 -32.36 26.13
C5 MAN D . 7.61 -31.95 27.44
C6 MAN D . 7.22 -33.14 28.30
O2 MAN D . 10.89 -30.90 26.56
O3 MAN D . 9.51 -31.49 24.22
O4 MAN D . 7.39 -33.11 25.33
O5 MAN D . 8.50 -31.13 28.23
C1 MAN D . 5.89 -23.18 27.63
C2 MAN D . 4.63 -22.44 27.19
C3 MAN D . 3.99 -23.13 25.97
C4 MAN D . 5.04 -23.32 24.86
C5 MAN D . 6.26 -24.06 25.42
C6 MAN D . 7.38 -24.24 24.40
O2 MAN D . 4.95 -21.08 26.85
O3 MAN D . 2.91 -22.34 25.48
O4 MAN D . 4.47 -24.05 23.78
O5 MAN D . 6.79 -23.33 26.54
O6 MAN D . 7.97 -22.98 24.07
MN MN E . 1.02 26.51 -15.53
CA CA F . -2.05 28.85 -13.93
MN MN G . -1.01 -26.12 16.15
CA CA H . 1.94 -25.74 19.10
#